data_8QVF
#
_entry.id   8QVF
#
_cell.length_a   95.41
_cell.length_b   95.41
_cell.length_c   244.29
_cell.angle_alpha   90
_cell.angle_beta   90
_cell.angle_gamma   120
#
_symmetry.space_group_name_H-M   'P 65 2 2'
#
loop_
_entity.id
_entity.type
_entity.pdbx_description
1 polymer 'Bifunctional epoxide hydrolase 2'
2 non-polymer 1-(1-adamantyl)-3-(1-methylsulfonylpiperidin-4-yl)urea
3 water water
#
_entity_poly.entity_id   1
_entity_poly.type   'polypeptide(L)'
_entity_poly.pdbx_seq_one_letter_code
;GMTLRAAVFDLDGVLALPAVFGVLGRTEEALALPRGLLNDAFQKGGPEGATTRLMKGEITLSQWIPLMEENCRKCSETAK
VCLPKNFSIKEIFDKAISARKINRPMLQAALMLRKKGFTTAILTNTWLDDRAERDGLAQLMCELKMHFDFLIESCQVGMV
KPEPQIYKFLLDTLKASPSEVVFLDDIGANLKPARDLGMVTILVQDTDTALKELEKVTGIQLLNTPAPLPTSCNPSDMSH
GYVTVKPRVRLHFVELGSGPAVCLCHGFPESWYSWRYQIPALAQAGYRVLAMDMKGYGESSAPPEIEEYCMEVLCKEMVT
FLDKLGLSQAVFIGHDWGGMLVWYMALFYPERVRAVASLNTPFIPANPNMSPLESIKANPVFDYQLYFQEPGVAEAELEQ
NLSRTFKSLFRASDESVLSMHKVCEAGGLFVNSPEEPSLSRMVTEEEIQFYVQQFKKSGFRGPLNWYRNMERNWKWACKS
LGRKILIPALMVTAEKDFVLVPQMSQHMEDWIPHLKRGHIEDCGHWTQMDKPTEVNQILIKWLDSDARN
;
_entity_poly.pdbx_strand_id   A
#
loop_
_chem_comp.id
_chem_comp.type
_chem_comp.name
_chem_comp.formula
XQ9 non-polymer 1-(1-adamantyl)-3-(1-methylsulfonylpiperidin-4-yl)urea 'C17 H29 N3 O3 S'
#
# COMPACT_ATOMS: atom_id res chain seq x y z
N THR A 3 -9.67 -31.31 3.31
CA THR A 3 -10.81 -31.17 2.41
C THR A 3 -11.35 -29.73 2.34
N LEU A 4 -11.29 -28.96 3.45
CA LEU A 4 -11.77 -27.57 3.41
C LEU A 4 -10.94 -26.73 2.44
N ARG A 5 -11.59 -25.97 1.55
CA ARG A 5 -10.86 -25.14 0.61
C ARG A 5 -11.47 -23.72 0.42
N ALA A 6 -12.61 -23.43 1.06
CA ALA A 6 -13.22 -22.11 1.02
C ALA A 6 -13.63 -21.64 2.42
N ALA A 7 -13.57 -20.31 2.66
CA ALA A 7 -13.95 -19.68 3.92
C ALA A 7 -14.79 -18.43 3.63
N VAL A 8 -15.98 -18.34 4.22
CA VAL A 8 -16.94 -17.27 4.04
C VAL A 8 -17.12 -16.51 5.35
N PHE A 9 -17.06 -15.19 5.28
CA PHE A 9 -17.18 -14.31 6.43
C PHE A 9 -18.32 -13.35 6.24
N ASP A 10 -18.96 -12.95 7.34
CA ASP A 10 -19.98 -11.90 7.34
C ASP A 10 -19.24 -10.59 7.64
N LEU A 11 -19.74 -9.45 7.17
CA LEU A 11 -19.09 -8.16 7.44
C LEU A 11 -19.39 -7.72 8.90
N ASP A 12 -20.65 -7.36 9.20
CA ASP A 12 -21.11 -6.86 10.48
C ASP A 12 -20.93 -7.84 11.63
N GLY A 13 -20.10 -7.48 12.59
CA GLY A 13 -19.90 -8.32 13.78
C GLY A 13 -18.82 -9.37 13.66
N VAL A 14 -18.22 -9.55 12.47
CA VAL A 14 -17.16 -10.53 12.33
C VAL A 14 -15.95 -9.85 11.64
N LEU A 15 -16.11 -9.21 10.47
CA LEU A 15 -14.97 -8.49 9.85
C LEU A 15 -14.89 -7.03 10.33
N ALA A 16 -16.01 -6.46 10.80
CA ALA A 16 -16.10 -5.09 11.27
C ALA A 16 -16.77 -5.07 12.63
N LEU A 17 -16.20 -4.31 13.58
CA LEU A 17 -16.73 -4.22 14.94
C LEU A 17 -16.84 -2.76 15.36
N PRO A 18 -17.88 -2.41 16.16
CA PRO A 18 -18.95 -3.29 16.66
C PRO A 18 -20.13 -3.49 15.70
N ALA A 19 -20.95 -4.51 15.95
CA ALA A 19 -22.13 -4.77 15.13
C ALA A 19 -23.20 -3.70 15.35
N VAL A 20 -24.02 -3.41 14.32
CA VAL A 20 -25.13 -2.45 14.39
C VAL A 20 -26.09 -2.80 15.55
N PHE A 21 -26.47 -4.09 15.67
CA PHE A 21 -27.36 -4.60 16.72
C PHE A 21 -26.82 -4.34 18.12
N GLY A 22 -25.49 -4.32 18.26
CA GLY A 22 -24.86 -4.01 19.54
C GLY A 22 -25.12 -2.58 19.94
N VAL A 23 -25.11 -1.67 18.95
CA VAL A 23 -25.38 -0.25 19.17
C VAL A 23 -26.86 0.02 19.48
N LEU A 24 -27.78 -0.85 19.01
CA LEU A 24 -29.20 -0.69 19.31
C LEU A 24 -29.46 -0.97 20.80
N GLY A 25 -28.80 -1.99 21.35
CA GLY A 25 -28.91 -2.35 22.75
C GLY A 25 -28.28 -1.30 23.64
N ARG A 26 -27.15 -0.73 23.20
CA ARG A 26 -26.46 0.32 23.95
C ARG A 26 -27.29 1.61 23.98
N THR A 27 -28.06 1.88 22.91
CA THR A 27 -28.92 3.06 22.83
C THR A 27 -30.10 2.92 23.80
N GLU A 28 -30.71 1.72 23.86
CA GLU A 28 -31.81 1.42 24.77
C GLU A 28 -31.42 1.68 26.21
N GLU A 29 -30.21 1.21 26.61
CA GLU A 29 -29.67 1.39 27.95
C GLU A 29 -29.43 2.85 28.24
N ALA A 30 -28.77 3.57 27.32
CA ALA A 30 -28.43 4.98 27.45
C ALA A 30 -29.64 5.89 27.55
N LEU A 31 -30.71 5.59 26.80
CA LEU A 31 -31.91 6.41 26.82
C LEU A 31 -32.98 5.93 27.79
N ALA A 32 -32.68 4.96 28.66
CA ALA A 32 -33.63 4.41 29.62
C ALA A 32 -34.91 3.92 28.95
N LEU A 33 -34.76 3.26 27.80
CA LEU A 33 -35.86 2.70 27.02
C LEU A 33 -36.11 1.24 27.44
N PRO A 34 -37.32 0.69 27.21
CA PRO A 34 -37.54 -0.73 27.54
C PRO A 34 -36.60 -1.63 26.74
N ARG A 35 -36.08 -2.68 27.36
CA ARG A 35 -35.17 -3.61 26.70
C ARG A 35 -35.82 -4.26 25.49
N GLY A 36 -35.05 -4.30 24.40
CA GLY A 36 -35.47 -4.88 23.14
C GLY A 36 -36.31 -4.00 22.24
N LEU A 37 -36.82 -2.86 22.74
CA LEU A 37 -37.71 -1.99 21.97
C LEU A 37 -37.18 -1.61 20.56
N LEU A 38 -35.92 -1.16 20.45
CA LEU A 38 -35.32 -0.78 19.17
C LEU A 38 -35.08 -1.99 18.25
N ASN A 39 -34.76 -3.14 18.83
CA ASN A 39 -34.56 -4.35 18.04
C ASN A 39 -35.90 -4.90 17.50
N ASP A 40 -37.02 -4.64 18.21
CA ASP A 40 -38.34 -5.08 17.77
C ASP A 40 -38.81 -4.24 16.59
N ALA A 41 -38.64 -2.92 16.66
CA ALA A 41 -39.00 -2.02 15.56
C ALA A 41 -38.14 -2.36 14.32
N PHE A 42 -36.86 -2.68 14.53
CA PHE A 42 -35.95 -3.08 13.48
C PHE A 42 -36.47 -4.28 12.68
N GLN A 43 -37.04 -5.30 13.35
CA GLN A 43 -37.55 -6.48 12.64
C GLN A 43 -39.07 -6.50 12.42
N LYS A 44 -39.75 -5.41 12.73
CA LYS A 44 -41.20 -5.34 12.59
C LYS A 44 -41.72 -5.70 11.20
N GLY A 45 -42.43 -6.82 11.12
CA GLY A 45 -43.04 -7.30 9.89
C GLY A 45 -42.41 -8.55 9.29
N GLY A 46 -41.20 -8.88 9.73
CA GLY A 46 -40.47 -10.03 9.18
C GLY A 46 -40.19 -9.86 7.69
N PRO A 47 -40.49 -10.90 6.89
CA PRO A 47 -40.26 -10.80 5.43
C PRO A 47 -41.11 -9.73 4.73
N GLU A 48 -42.22 -9.35 5.33
CA GLU A 48 -43.07 -8.27 4.81
C GLU A 48 -42.57 -6.86 5.21
N GLY A 49 -41.74 -6.79 6.23
CA GLY A 49 -41.27 -5.57 6.85
C GLY A 49 -40.33 -4.70 6.05
N ALA A 50 -40.16 -3.46 6.53
CA ALA A 50 -39.32 -2.45 5.91
C ALA A 50 -37.85 -2.86 5.82
N THR A 51 -37.34 -3.53 6.86
CA THR A 51 -35.94 -3.93 6.90
C THR A 51 -35.64 -4.99 5.85
N THR A 52 -36.57 -5.91 5.59
CA THR A 52 -36.36 -6.94 4.56
C THR A 52 -36.32 -6.33 3.17
N ARG A 53 -37.20 -5.34 2.93
CA ARG A 53 -37.24 -4.62 1.67
C ARG A 53 -35.92 -3.86 1.47
N LEU A 54 -35.40 -3.27 2.56
CA LEU A 54 -34.13 -2.58 2.59
C LEU A 54 -32.96 -3.54 2.25
N MET A 55 -32.86 -4.71 2.93
CA MET A 55 -31.78 -5.66 2.69
C MET A 55 -31.87 -6.33 1.31
N LYS A 56 -33.05 -6.33 0.69
CA LYS A 56 -33.22 -6.90 -0.66
C LYS A 56 -32.91 -5.91 -1.77
N GLY A 57 -32.76 -4.63 -1.45
CA GLY A 57 -32.48 -3.59 -2.44
C GLY A 57 -33.74 -2.98 -3.04
N GLU A 58 -34.92 -3.25 -2.46
CA GLU A 58 -36.17 -2.67 -2.98
C GLU A 58 -36.24 -1.19 -2.71
N ILE A 59 -35.79 -0.76 -1.53
CA ILE A 59 -35.71 0.65 -1.13
C ILE A 59 -34.27 0.97 -0.64
N THR A 60 -33.93 2.27 -0.55
CA THR A 60 -32.63 2.72 -0.08
C THR A 60 -32.65 2.97 1.45
N LEU A 61 -31.49 3.20 2.09
CA LEU A 61 -31.42 3.49 3.52
C LEU A 61 -32.23 4.74 3.93
N SER A 62 -32.12 5.82 3.15
CA SER A 62 -32.85 7.06 3.42
C SER A 62 -34.37 6.89 3.32
N GLN A 63 -34.82 5.94 2.49
CA GLN A 63 -36.25 5.65 2.36
C GLN A 63 -36.76 4.82 3.56
N TRP A 64 -35.88 4.01 4.17
CA TRP A 64 -36.21 3.11 5.28
C TRP A 64 -36.27 3.86 6.60
N ILE A 65 -35.44 4.89 6.78
CA ILE A 65 -35.36 5.66 8.02
C ILE A 65 -36.73 6.09 8.57
N PRO A 66 -37.63 6.75 7.78
CA PRO A 66 -38.93 7.12 8.34
C PRO A 66 -39.84 5.93 8.60
N LEU A 67 -39.65 4.80 7.88
CA LEU A 67 -40.44 3.60 8.13
C LEU A 67 -40.03 2.96 9.46
N MET A 68 -38.73 3.03 9.84
CA MET A 68 -38.18 2.52 11.08
C MET A 68 -38.62 3.43 12.24
N GLU A 69 -38.60 4.76 12.03
CA GLU A 69 -39.06 5.76 12.99
C GLU A 69 -40.52 5.44 13.38
N GLU A 70 -41.33 5.09 12.38
CA GLU A 70 -42.71 4.71 12.57
C GLU A 70 -42.88 3.43 13.38
N ASN A 71 -42.06 2.44 13.07
CA ASN A 71 -42.06 1.19 13.78
C ASN A 71 -41.71 1.39 15.27
N CYS A 72 -40.85 2.40 15.59
CA CYS A 72 -40.46 2.76 16.95
C CYS A 72 -41.64 3.36 17.71
N ARG A 73 -42.47 4.15 17.03
CA ARG A 73 -43.65 4.75 17.64
C ARG A 73 -44.70 3.67 17.87
N LYS A 74 -44.98 2.83 16.87
CA LYS A 74 -45.93 1.73 17.01
C LYS A 74 -45.51 0.78 18.13
N CYS A 75 -44.20 0.58 18.33
CA CYS A 75 -43.66 -0.28 19.39
C CYS A 75 -43.79 0.35 20.77
N SER A 76 -43.60 1.67 20.88
CA SER A 76 -43.69 2.35 22.16
C SER A 76 -45.13 2.53 22.64
N GLU A 77 -46.10 2.63 21.73
CA GLU A 77 -47.51 2.74 22.11
C GLU A 77 -47.99 1.44 22.78
N THR A 78 -47.60 0.29 22.24
CA THR A 78 -47.96 -1.01 22.83
C THR A 78 -47.21 -1.21 24.17
N ALA A 79 -45.94 -0.79 24.23
CA ALA A 79 -45.15 -0.89 25.45
C ALA A 79 -45.58 0.12 26.54
N LYS A 80 -46.56 1.02 26.23
CA LYS A 80 -47.10 2.05 27.11
C LYS A 80 -46.01 2.97 27.61
N VAL A 81 -45.08 3.33 26.73
CA VAL A 81 -43.96 4.19 27.07
C VAL A 81 -43.90 5.43 26.14
N CYS A 82 -43.20 6.44 26.58
CA CYS A 82 -43.06 7.68 25.82
C CYS A 82 -41.59 7.84 25.34
N LEU A 83 -41.40 7.97 24.03
CA LEU A 83 -40.08 8.15 23.41
C LEU A 83 -39.60 9.58 23.68
N PRO A 84 -38.29 9.79 23.86
CA PRO A 84 -37.78 11.15 24.12
C PRO A 84 -37.97 12.12 22.94
N LYS A 85 -37.92 13.44 23.20
CA LYS A 85 -38.06 14.42 22.09
C LYS A 85 -36.75 14.65 21.30
N ASN A 86 -35.65 14.04 21.75
CA ASN A 86 -34.34 14.06 21.10
C ASN A 86 -34.22 12.91 20.06
N PHE A 87 -35.03 11.82 20.22
CA PHE A 87 -35.07 10.61 19.40
C PHE A 87 -34.98 10.82 17.90
N SER A 88 -33.95 10.24 17.28
CA SER A 88 -33.71 10.32 15.84
C SER A 88 -33.04 9.04 15.37
N ILE A 89 -33.72 8.27 14.51
CA ILE A 89 -33.15 7.03 13.96
C ILE A 89 -31.88 7.35 13.14
N LYS A 90 -31.89 8.49 12.42
CA LYS A 90 -30.77 8.94 11.61
C LYS A 90 -29.53 9.17 12.44
N GLU A 91 -29.65 9.86 13.60
CA GLU A 91 -28.46 10.11 14.44
C GLU A 91 -27.91 8.81 15.00
N ILE A 92 -28.82 7.91 15.44
CA ILE A 92 -28.46 6.62 16.01
C ILE A 92 -27.69 5.80 14.98
N PHE A 93 -28.21 5.71 13.74
CA PHE A 93 -27.54 4.96 12.69
C PHE A 93 -26.25 5.62 12.20
N ASP A 94 -26.18 6.96 12.08
CA ASP A 94 -24.94 7.63 11.68
C ASP A 94 -23.77 7.28 12.60
N LYS A 95 -23.98 7.34 13.93
CA LYS A 95 -22.94 7.04 14.91
C LYS A 95 -22.59 5.57 14.93
N ALA A 96 -23.60 4.68 14.82
CA ALA A 96 -23.36 3.24 14.79
C ALA A 96 -22.46 2.81 13.60
N ILE A 97 -22.82 3.27 12.37
CA ILE A 97 -22.09 2.96 11.14
C ILE A 97 -20.67 3.54 11.18
N SER A 98 -20.55 4.76 11.72
CA SER A 98 -19.25 5.42 11.80
C SER A 98 -18.30 4.79 12.83
N ALA A 99 -18.81 4.24 13.93
CA ALA A 99 -17.96 3.62 14.94
C ALA A 99 -17.34 2.27 14.50
N ARG A 100 -17.89 1.64 13.48
CA ARG A 100 -17.44 0.35 12.98
C ARG A 100 -16.05 0.42 12.32
N LYS A 101 -15.09 -0.37 12.85
CA LYS A 101 -13.71 -0.47 12.36
C LYS A 101 -13.36 -1.91 12.02
N ILE A 102 -12.45 -2.12 11.08
CA ILE A 102 -11.98 -3.46 10.68
C ILE A 102 -11.40 -4.22 11.87
N ASN A 103 -11.87 -5.45 12.07
CA ASN A 103 -11.39 -6.35 13.10
C ASN A 103 -10.08 -6.92 12.57
N ARG A 104 -8.96 -6.20 12.81
CA ARG A 104 -7.62 -6.55 12.32
C ARG A 104 -7.26 -8.02 12.48
N PRO A 105 -7.40 -8.68 13.66
CA PRO A 105 -7.08 -10.12 13.72
C PRO A 105 -7.91 -11.03 12.77
N MET A 106 -9.20 -10.70 12.52
CA MET A 106 -10.04 -11.49 11.63
C MET A 106 -9.59 -11.38 10.16
N LEU A 107 -9.24 -10.16 9.73
CA LEU A 107 -8.75 -9.91 8.37
C LEU A 107 -7.40 -10.59 8.16
N GLN A 108 -6.54 -10.54 9.17
CA GLN A 108 -5.23 -11.19 9.12
C GLN A 108 -5.39 -12.71 8.93
N ALA A 109 -6.36 -13.30 9.64
CA ALA A 109 -6.64 -14.73 9.52
C ALA A 109 -7.17 -15.07 8.12
N ALA A 110 -8.03 -14.21 7.56
CA ALA A 110 -8.57 -14.41 6.22
C ALA A 110 -7.44 -14.37 5.18
N LEU A 111 -6.53 -13.40 5.32
CA LEU A 111 -5.38 -13.24 4.43
C LEU A 111 -4.46 -14.45 4.49
N MET A 112 -4.22 -14.98 5.70
CA MET A 112 -3.38 -16.15 5.86
C MET A 112 -3.98 -17.36 5.15
N LEU A 113 -5.30 -17.57 5.29
CA LEU A 113 -5.99 -18.69 4.62
C LEU A 113 -5.89 -18.56 3.12
N ARG A 114 -6.10 -17.35 2.56
CA ARG A 114 -6.02 -17.16 1.11
C ARG A 114 -4.62 -17.50 0.58
N LYS A 115 -3.58 -17.09 1.32
CA LYS A 115 -2.17 -17.32 1.03
C LYS A 115 -1.84 -18.82 1.01
N LYS A 116 -2.53 -19.61 1.83
CA LYS A 116 -2.37 -21.06 1.89
C LYS A 116 -3.31 -21.83 0.92
N GLY A 117 -3.83 -21.15 -0.10
CA GLY A 117 -4.67 -21.79 -1.12
C GLY A 117 -6.19 -21.67 -1.03
N PHE A 118 -6.73 -21.09 0.05
CA PHE A 118 -8.18 -20.97 0.20
C PHE A 118 -8.84 -19.93 -0.68
N THR A 119 -10.10 -20.18 -1.07
CA THR A 119 -10.93 -19.20 -1.73
C THR A 119 -11.68 -18.50 -0.58
N THR A 120 -11.67 -17.16 -0.55
CA THR A 120 -12.32 -16.43 0.53
C THR A 120 -13.43 -15.55 0.01
N ALA A 121 -14.49 -15.36 0.81
CA ALA A 121 -15.61 -14.55 0.39
C ALA A 121 -16.30 -13.83 1.55
N ILE A 122 -17.01 -12.73 1.25
CA ILE A 122 -17.82 -12.03 2.23
C ILE A 122 -19.26 -12.18 1.75
N LEU A 123 -20.16 -12.65 2.63
CA LEU A 123 -21.59 -12.78 2.32
C LEU A 123 -22.26 -11.94 3.40
N THR A 124 -22.88 -10.81 3.02
CA THR A 124 -23.45 -9.92 4.03
C THR A 124 -24.83 -9.39 3.65
N ASN A 125 -25.64 -9.16 4.68
CA ASN A 125 -26.92 -8.52 4.54
C ASN A 125 -26.61 -7.04 4.68
N THR A 126 -26.68 -6.30 3.57
CA THR A 126 -26.36 -4.89 3.61
C THR A 126 -27.40 -4.07 2.82
N TRP A 127 -27.30 -2.75 2.86
CA TRP A 127 -28.26 -1.86 2.22
C TRP A 127 -27.59 -0.95 1.17
N LEU A 128 -28.43 -0.26 0.37
CA LEU A 128 -27.98 0.76 -0.57
C LEU A 128 -27.91 2.03 0.26
N ASP A 129 -26.70 2.47 0.57
CA ASP A 129 -26.51 3.65 1.41
C ASP A 129 -26.43 4.92 0.60
N ASP A 130 -27.45 5.78 0.74
CA ASP A 130 -27.52 7.05 0.04
C ASP A 130 -27.51 8.25 1.03
N ARG A 131 -26.94 8.07 2.23
CA ARG A 131 -26.84 9.13 3.25
C ARG A 131 -25.74 10.10 2.82
N ALA A 132 -25.72 11.32 3.36
CA ALA A 132 -24.66 12.29 3.03
C ALA A 132 -23.27 11.80 3.49
N GLU A 133 -23.24 10.91 4.51
CA GLU A 133 -22.05 10.34 5.12
C GLU A 133 -21.66 8.96 4.55
N ARG A 134 -22.29 8.51 3.44
CA ARG A 134 -22.00 7.19 2.83
C ARG A 134 -20.53 6.91 2.41
N ASP A 135 -19.64 7.92 2.33
CA ASP A 135 -18.24 7.69 1.94
C ASP A 135 -17.48 6.84 2.93
N GLY A 136 -17.83 6.93 4.21
CA GLY A 136 -17.19 6.13 5.24
C GLY A 136 -17.39 4.65 5.00
N LEU A 137 -18.59 4.28 4.57
CA LEU A 137 -18.93 2.91 4.23
C LEU A 137 -18.21 2.46 2.95
N ALA A 138 -18.22 3.29 1.89
CA ALA A 138 -17.54 2.98 0.63
C ALA A 138 -16.05 2.72 0.86
N GLN A 139 -15.40 3.57 1.69
CA GLN A 139 -13.98 3.47 2.04
C GLN A 139 -13.69 2.14 2.73
N LEU A 140 -14.59 1.73 3.64
CA LEU A 140 -14.47 0.47 4.38
C LEU A 140 -14.54 -0.73 3.43
N MET A 141 -15.55 -0.77 2.55
CA MET A 141 -15.72 -1.86 1.62
C MET A 141 -14.57 -1.99 0.65
N CYS A 142 -14.01 -0.85 0.21
CA CYS A 142 -12.87 -0.88 -0.70
C CYS A 142 -11.66 -1.51 -0.06
N GLU A 143 -11.38 -1.17 1.20
CA GLU A 143 -10.25 -1.75 1.90
C GLU A 143 -10.39 -3.26 2.05
N LEU A 144 -11.61 -3.73 2.32
CA LEU A 144 -11.87 -5.15 2.49
C LEU A 144 -11.92 -5.96 1.21
N LYS A 145 -12.62 -5.47 0.18
CA LYS A 145 -12.81 -6.24 -1.04
C LYS A 145 -11.50 -6.61 -1.77
N MET A 146 -10.39 -5.87 -1.58
CA MET A 146 -9.12 -6.23 -2.22
C MET A 146 -8.46 -7.50 -1.64
N HIS A 147 -8.94 -7.97 -0.49
CA HIS A 147 -8.38 -9.15 0.18
C HIS A 147 -9.21 -10.41 0.01
N PHE A 148 -10.38 -10.32 -0.64
CA PHE A 148 -11.28 -11.47 -0.80
C PHE A 148 -11.58 -11.76 -2.26
N ASP A 149 -11.82 -13.03 -2.59
CA ASP A 149 -12.14 -13.44 -3.95
C ASP A 149 -13.51 -12.94 -4.39
N PHE A 150 -14.52 -13.05 -3.51
CA PHE A 150 -15.87 -12.62 -3.86
C PHE A 150 -16.52 -11.81 -2.75
N LEU A 151 -17.35 -10.86 -3.14
CA LEU A 151 -18.12 -10.06 -2.22
C LEU A 151 -19.57 -10.18 -2.69
N ILE A 152 -20.40 -10.86 -1.90
CA ILE A 152 -21.80 -11.04 -2.20
C ILE A 152 -22.61 -10.21 -1.22
N GLU A 153 -23.35 -9.22 -1.72
CA GLU A 153 -24.18 -8.33 -0.91
C GLU A 153 -25.63 -8.60 -1.25
N SER A 154 -26.47 -8.76 -0.21
CA SER A 154 -27.89 -9.08 -0.34
C SER A 154 -28.65 -8.13 -1.25
N CYS A 155 -28.46 -6.82 -1.04
CA CYS A 155 -29.11 -5.75 -1.79
C CYS A 155 -28.76 -5.75 -3.28
N GLN A 156 -27.69 -6.46 -3.68
CA GLN A 156 -27.32 -6.55 -5.07
C GLN A 156 -27.89 -7.80 -5.75
N VAL A 157 -28.08 -8.89 -4.99
CA VAL A 157 -28.62 -10.12 -5.54
C VAL A 157 -30.12 -10.32 -5.29
N GLY A 158 -30.77 -9.42 -4.54
CA GLY A 158 -32.20 -9.51 -4.25
C GLY A 158 -32.63 -10.63 -3.31
N MET A 159 -31.68 -11.25 -2.63
CA MET A 159 -31.94 -12.32 -1.67
C MET A 159 -31.32 -11.93 -0.32
N VAL A 160 -31.85 -12.44 0.81
CA VAL A 160 -31.27 -12.11 2.14
C VAL A 160 -30.96 -13.38 2.94
N LYS A 161 -30.07 -13.29 3.94
CA LYS A 161 -29.87 -14.39 4.89
C LYS A 161 -30.99 -14.20 5.93
N PRO A 162 -31.68 -15.28 6.37
CA PRO A 162 -31.38 -16.68 6.12
C PRO A 162 -32.19 -17.43 5.03
N GLU A 163 -32.62 -16.77 3.93
CA GLU A 163 -33.35 -17.48 2.86
C GLU A 163 -32.42 -18.54 2.25
N PRO A 164 -32.93 -19.77 2.02
CA PRO A 164 -32.04 -20.84 1.53
C PRO A 164 -31.43 -20.62 0.15
N GLN A 165 -32.08 -19.79 -0.67
N GLN A 165 -32.08 -19.81 -0.68
CA GLN A 165 -31.64 -19.47 -2.04
CA GLN A 165 -31.59 -19.55 -2.05
C GLN A 165 -30.30 -18.73 -2.06
C GLN A 165 -30.29 -18.75 -2.07
N ILE A 166 -30.01 -17.93 -1.03
CA ILE A 166 -28.76 -17.17 -0.99
C ILE A 166 -27.56 -18.10 -0.73
N TYR A 167 -27.76 -19.20 0.03
CA TYR A 167 -26.67 -20.16 0.30
C TYR A 167 -26.43 -21.02 -0.93
N LYS A 168 -27.47 -21.31 -1.73
CA LYS A 168 -27.30 -22.05 -2.98
C LYS A 168 -26.56 -21.19 -3.99
N PHE A 169 -26.85 -19.88 -4.02
CA PHE A 169 -26.18 -18.89 -4.87
C PHE A 169 -24.68 -18.80 -4.53
N LEU A 170 -24.35 -18.90 -3.23
CA LEU A 170 -22.99 -18.86 -2.72
C LEU A 170 -22.17 -20.05 -3.24
N LEU A 171 -22.74 -21.26 -3.13
CA LEU A 171 -22.08 -22.49 -3.55
C LEU A 171 -21.80 -22.55 -5.04
N ASP A 172 -22.71 -22.01 -5.87
CA ASP A 172 -22.50 -21.98 -7.31
C ASP A 172 -21.44 -20.95 -7.70
N THR A 173 -21.35 -19.83 -6.93
CA THR A 173 -20.35 -18.79 -7.17
C THR A 173 -18.97 -19.35 -6.81
N LEU A 174 -18.87 -20.02 -5.65
CA LEU A 174 -17.62 -20.61 -5.18
C LEU A 174 -17.21 -21.86 -5.94
N LYS A 175 -18.16 -22.50 -6.66
CA LYS A 175 -17.94 -23.74 -7.42
C LYS A 175 -17.39 -24.80 -6.48
N ALA A 176 -18.05 -24.95 -5.33
CA ALA A 176 -17.60 -25.88 -4.31
C ALA A 176 -18.76 -26.61 -3.66
N SER A 177 -18.46 -27.79 -3.09
CA SER A 177 -19.44 -28.60 -2.36
C SER A 177 -19.58 -28.03 -0.94
N PRO A 178 -20.77 -28.08 -0.34
CA PRO A 178 -20.94 -27.53 1.02
C PRO A 178 -19.95 -28.01 2.08
N SER A 179 -19.52 -29.29 2.07
CA SER A 179 -18.55 -29.78 3.06
C SER A 179 -17.11 -29.27 2.86
N GLU A 180 -16.85 -28.51 1.78
CA GLU A 180 -15.57 -27.89 1.51
C GLU A 180 -15.52 -26.41 2.01
N VAL A 181 -16.63 -25.89 2.62
CA VAL A 181 -16.78 -24.50 3.04
C VAL A 181 -16.93 -24.28 4.54
N VAL A 182 -16.21 -23.27 5.06
CA VAL A 182 -16.31 -22.81 6.44
C VAL A 182 -17.08 -21.49 6.36
N PHE A 183 -18.07 -21.29 7.22
CA PHE A 183 -18.93 -20.11 7.24
C PHE A 183 -18.91 -19.50 8.65
N LEU A 184 -18.56 -18.21 8.74
CA LEU A 184 -18.48 -17.51 10.02
C LEU A 184 -19.54 -16.43 10.05
N ASP A 185 -20.32 -16.38 11.14
CA ASP A 185 -21.38 -15.38 11.30
C ASP A 185 -21.63 -15.16 12.79
N ASP A 186 -22.01 -13.94 13.17
CA ASP A 186 -22.29 -13.64 14.58
C ASP A 186 -23.77 -13.87 14.97
N ILE A 187 -24.65 -14.10 13.97
CA ILE A 187 -26.07 -14.32 14.19
C ILE A 187 -26.42 -15.78 13.95
N GLY A 188 -26.80 -16.48 15.01
CA GLY A 188 -27.14 -17.90 14.99
C GLY A 188 -28.13 -18.31 13.92
N ALA A 189 -29.20 -17.51 13.77
CA ALA A 189 -30.20 -17.78 12.73
C ALA A 189 -29.59 -17.87 11.32
N ASN A 190 -28.55 -17.08 11.03
CA ASN A 190 -27.90 -17.13 9.72
C ASN A 190 -27.01 -18.36 9.51
N LEU A 191 -26.61 -19.03 10.58
CA LEU A 191 -25.80 -20.26 10.49
C LEU A 191 -26.68 -21.47 10.18
N LYS A 192 -27.91 -21.47 10.71
CA LYS A 192 -28.92 -22.53 10.54
C LYS A 192 -28.99 -23.12 9.11
N PRO A 193 -29.17 -22.32 8.02
CA PRO A 193 -29.25 -22.93 6.68
C PRO A 193 -27.91 -23.39 6.12
N ALA A 194 -26.80 -22.81 6.60
CA ALA A 194 -25.47 -23.24 6.16
C ALA A 194 -25.22 -24.66 6.70
N ARG A 195 -25.59 -24.91 7.96
CA ARG A 195 -25.46 -26.21 8.63
C ARG A 195 -26.34 -27.28 7.95
N ASP A 196 -27.65 -26.97 7.68
CA ASP A 196 -28.58 -27.89 6.99
C ASP A 196 -28.00 -28.42 5.67
N LEU A 197 -27.24 -27.59 4.93
CA LEU A 197 -26.59 -27.96 3.67
C LEU A 197 -25.31 -28.78 3.84
N GLY A 198 -24.70 -28.73 5.02
CA GLY A 198 -23.49 -29.47 5.34
C GLY A 198 -22.20 -28.67 5.50
N MET A 199 -22.31 -27.34 5.54
N MET A 199 -22.30 -27.34 5.56
CA MET A 199 -21.12 -26.48 5.69
CA MET A 199 -21.15 -26.46 5.73
C MET A 199 -20.62 -26.42 7.13
C MET A 199 -20.60 -26.49 7.15
N VAL A 200 -19.30 -26.22 7.32
CA VAL A 200 -18.71 -26.08 8.66
C VAL A 200 -19.06 -24.65 9.11
N THR A 201 -19.67 -24.48 10.27
CA THR A 201 -20.08 -23.16 10.73
C THR A 201 -19.37 -22.77 12.03
N ILE A 202 -19.06 -21.47 12.20
CA ILE A 202 -18.44 -20.93 13.39
C ILE A 202 -19.27 -19.75 13.86
N LEU A 203 -19.77 -19.79 15.10
CA LEU A 203 -20.56 -18.70 15.66
C LEU A 203 -19.61 -17.71 16.31
N VAL A 204 -19.58 -16.48 15.80
CA VAL A 204 -18.67 -15.47 16.32
C VAL A 204 -19.26 -14.69 17.51
N GLN A 205 -18.75 -14.96 18.73
CA GLN A 205 -19.16 -14.19 19.89
C GLN A 205 -17.99 -13.27 20.19
N ASP A 206 -16.79 -13.83 20.38
CA ASP A 206 -15.57 -13.02 20.51
C ASP A 206 -14.55 -13.52 19.47
N THR A 207 -13.68 -12.61 19.04
CA THR A 207 -12.71 -12.89 18.00
C THR A 207 -11.73 -14.00 18.35
N ASP A 208 -11.17 -13.98 19.55
CA ASP A 208 -10.14 -14.95 19.91
C ASP A 208 -10.65 -16.38 19.90
N THR A 209 -11.82 -16.64 20.49
CA THR A 209 -12.44 -17.97 20.51
C THR A 209 -12.81 -18.41 19.10
N ALA A 210 -13.31 -17.46 18.27
CA ALA A 210 -13.67 -17.75 16.88
C ALA A 210 -12.44 -18.18 16.06
N LEU A 211 -11.30 -17.49 16.27
CA LEU A 211 -10.05 -17.82 15.58
C LEU A 211 -9.46 -19.15 16.03
N LYS A 212 -9.64 -19.51 17.31
CA LYS A 212 -9.18 -20.80 17.83
C LYS A 212 -9.97 -21.94 17.20
N GLU A 213 -11.30 -21.73 16.97
CA GLU A 213 -12.13 -22.75 16.32
C GLU A 213 -11.69 -22.91 14.86
N LEU A 214 -11.43 -21.78 14.19
CA LEU A 214 -10.99 -21.74 12.80
C LEU A 214 -9.62 -22.41 12.63
N GLU A 215 -8.75 -22.30 13.63
CA GLU A 215 -7.42 -22.93 13.64
C GLU A 215 -7.56 -24.46 13.67
N LYS A 216 -8.39 -24.98 14.59
CA LYS A 216 -8.61 -26.40 14.76
C LYS A 216 -9.15 -27.05 13.50
N VAL A 217 -10.14 -26.39 12.87
CA VAL A 217 -10.81 -26.95 11.73
C VAL A 217 -9.97 -26.86 10.45
N THR A 218 -9.09 -25.86 10.31
CA THR A 218 -8.26 -25.76 9.08
C THR A 218 -6.88 -26.39 9.20
N GLY A 219 -6.38 -26.53 10.42
CA GLY A 219 -5.05 -27.05 10.67
C GLY A 219 -3.94 -26.04 10.39
N ILE A 220 -4.30 -24.76 10.15
CA ILE A 220 -3.36 -23.68 9.89
C ILE A 220 -3.28 -22.77 11.13
N GLN A 221 -2.07 -22.29 11.46
CA GLN A 221 -1.89 -21.41 12.61
C GLN A 221 -2.29 -19.97 12.26
N LEU A 222 -3.21 -19.39 13.03
CA LEU A 222 -3.74 -18.06 12.78
C LEU A 222 -3.49 -17.10 13.96
N LEU A 223 -3.62 -17.59 15.18
CA LEU A 223 -3.38 -16.82 16.38
C LEU A 223 -1.89 -16.97 16.77
N ASN A 224 -1.29 -15.91 17.36
CA ASN A 224 0.13 -15.87 17.78
C ASN A 224 1.12 -15.97 16.61
N THR A 225 0.67 -15.72 15.41
CA THR A 225 1.48 -15.80 14.21
C THR A 225 2.42 -14.56 14.08
N PRO A 226 3.57 -14.66 13.37
CA PRO A 226 4.44 -13.49 13.24
C PRO A 226 3.77 -12.30 12.52
N ALA A 227 4.37 -11.10 12.65
CA ALA A 227 3.87 -9.87 12.02
C ALA A 227 3.98 -10.00 10.50
N PRO A 228 2.85 -9.94 9.79
CA PRO A 228 2.91 -10.10 8.33
C PRO A 228 3.52 -8.90 7.60
N LEU A 229 4.02 -9.12 6.37
CA LEU A 229 4.56 -8.03 5.57
C LEU A 229 3.40 -7.17 5.05
N PRO A 230 3.62 -5.87 4.78
CA PRO A 230 2.53 -5.04 4.24
C PRO A 230 1.99 -5.57 2.92
N THR A 231 0.79 -5.13 2.53
CA THR A 231 0.18 -5.52 1.26
C THR A 231 1.07 -5.07 0.09
N SER A 232 1.44 -6.00 -0.79
CA SER A 232 2.24 -5.67 -1.97
C SER A 232 1.29 -5.67 -3.18
N CYS A 233 1.51 -4.75 -4.13
CA CYS A 233 0.60 -4.65 -5.27
C CYS A 233 1.02 -5.54 -6.45
N ASN A 234 0.05 -5.88 -7.29
CA ASN A 234 0.22 -6.75 -8.45
C ASN A 234 0.30 -5.89 -9.72
N PRO A 235 1.42 -5.98 -10.47
CA PRO A 235 1.56 -5.20 -11.70
C PRO A 235 0.34 -5.18 -12.65
N SER A 236 -0.31 -6.33 -12.87
CA SER A 236 -1.44 -6.40 -13.80
C SER A 236 -2.74 -5.77 -13.27
N ASP A 237 -2.84 -5.53 -11.97
CA ASP A 237 -4.03 -4.90 -11.38
C ASP A 237 -3.90 -3.37 -11.24
N MET A 238 -2.74 -2.80 -11.58
CA MET A 238 -2.49 -1.38 -11.40
C MET A 238 -2.96 -0.53 -12.57
N SER A 239 -3.29 0.73 -12.30
CA SER A 239 -3.59 1.67 -13.34
C SER A 239 -2.25 2.13 -13.89
N HIS A 240 -2.04 1.93 -15.18
CA HIS A 240 -0.80 2.32 -15.85
C HIS A 240 -0.95 3.63 -16.61
N GLY A 241 -0.06 4.58 -16.33
CA GLY A 241 -0.12 5.89 -16.96
C GLY A 241 1.07 6.20 -17.84
N TYR A 242 0.81 6.95 -18.92
CA TYR A 242 1.85 7.29 -19.88
C TYR A 242 1.75 8.75 -20.22
N VAL A 243 2.81 9.53 -19.99
CA VAL A 243 2.84 10.95 -20.32
C VAL A 243 4.06 11.19 -21.23
N THR A 244 3.87 11.83 -22.38
CA THR A 244 5.00 12.20 -23.23
C THR A 244 5.51 13.57 -22.73
N VAL A 245 6.72 13.64 -22.18
CA VAL A 245 7.27 14.90 -21.68
C VAL A 245 8.04 15.72 -22.74
N LYS A 246 8.51 15.06 -23.80
CA LYS A 246 9.22 15.64 -24.94
C LYS A 246 9.15 14.63 -26.10
N PRO A 247 9.34 15.07 -27.38
CA PRO A 247 9.11 14.17 -28.51
C PRO A 247 9.63 12.73 -28.40
N ARG A 248 10.88 12.51 -27.99
CA ARG A 248 11.41 11.15 -27.91
C ARG A 248 11.28 10.49 -26.51
N VAL A 249 10.77 11.23 -25.51
CA VAL A 249 10.69 10.75 -24.12
C VAL A 249 9.29 10.65 -23.55
N ARG A 250 8.91 9.45 -23.17
CA ARG A 250 7.62 9.15 -22.57
C ARG A 250 7.89 8.55 -21.19
N LEU A 251 7.26 9.08 -20.15
CA LEU A 251 7.41 8.53 -18.80
C LEU A 251 6.22 7.64 -18.43
N HIS A 252 6.51 6.48 -17.84
CA HIS A 252 5.49 5.54 -17.38
C HIS A 252 5.41 5.60 -15.85
N PHE A 253 4.19 5.55 -15.32
CA PHE A 253 3.97 5.56 -13.88
C PHE A 253 2.78 4.66 -13.54
N VAL A 254 2.68 4.32 -12.28
CA VAL A 254 1.63 3.54 -11.74
C VAL A 254 0.91 4.45 -10.74
N GLU A 255 -0.42 4.41 -10.71
CA GLU A 255 -1.19 5.35 -9.90
C GLU A 255 -2.24 4.69 -9.02
N LEU A 256 -2.35 5.16 -7.76
CA LEU A 256 -3.34 4.63 -6.85
C LEU A 256 -3.68 5.62 -5.73
N GLY A 257 -4.97 5.77 -5.45
CA GLY A 257 -5.45 6.60 -4.35
C GLY A 257 -5.99 7.96 -4.73
N SER A 258 -6.47 8.68 -3.71
CA SER A 258 -6.97 10.04 -3.87
C SER A 258 -6.50 10.90 -2.69
N GLY A 259 -6.26 12.16 -2.96
CA GLY A 259 -5.77 13.10 -1.96
C GLY A 259 -4.53 13.81 -2.47
N PRO A 260 -3.73 14.38 -1.56
CA PRO A 260 -2.51 15.08 -2.01
C PRO A 260 -1.56 14.13 -2.77
N ALA A 261 -0.99 14.60 -3.89
CA ALA A 261 -0.14 13.79 -4.73
C ALA A 261 1.24 13.55 -4.13
N VAL A 262 1.68 12.29 -4.18
CA VAL A 262 2.97 11.85 -3.66
C VAL A 262 3.70 11.14 -4.79
N CYS A 263 4.87 11.65 -5.18
CA CYS A 263 5.64 11.10 -6.26
C CYS A 263 6.85 10.29 -5.75
N LEU A 264 6.94 9.00 -6.13
CA LEU A 264 8.00 8.08 -5.69
C LEU A 264 9.10 7.87 -6.75
N CYS A 265 10.37 8.10 -6.39
CA CYS A 265 11.50 8.03 -7.32
C CYS A 265 12.55 7.00 -6.90
N HIS A 266 12.60 5.87 -7.61
CA HIS A 266 13.49 4.75 -7.35
C HIS A 266 14.97 5.04 -7.68
N GLY A 267 15.88 4.17 -7.25
CA GLY A 267 17.30 4.28 -7.55
C GLY A 267 17.82 3.28 -8.57
N PHE A 268 19.11 2.94 -8.49
CA PHE A 268 19.80 2.04 -9.43
C PHE A 268 20.10 0.68 -8.86
N PRO A 269 19.92 -0.40 -9.66
CA PRO A 269 19.22 -0.48 -10.95
C PRO A 269 17.79 -0.98 -10.68
N GLU A 270 16.82 -0.08 -10.40
CA GLU A 270 15.52 -0.54 -9.92
C GLU A 270 14.33 -0.28 -10.88
N SER A 271 13.13 -0.02 -10.35
CA SER A 271 11.90 0.08 -11.12
C SER A 271 10.81 0.73 -10.23
N TRP A 272 9.63 1.07 -10.80
CA TRP A 272 8.48 1.53 -10.01
C TRP A 272 8.14 0.46 -8.91
N TYR A 273 8.36 -0.83 -9.27
CA TYR A 273 8.10 -2.01 -8.49
C TYR A 273 8.87 -2.06 -7.16
N SER A 274 9.93 -1.27 -7.02
CA SER A 274 10.68 -1.21 -5.76
C SER A 274 9.89 -0.55 -4.61
N TRP A 275 8.79 0.17 -4.92
CA TRP A 275 7.90 0.78 -3.93
C TRP A 275 6.62 -0.04 -3.72
N ARG A 276 6.62 -1.33 -4.10
CA ARG A 276 5.45 -2.21 -4.02
C ARG A 276 4.82 -2.31 -2.63
N TYR A 277 5.63 -2.19 -1.57
CA TYR A 277 5.09 -2.26 -0.22
C TYR A 277 4.60 -0.90 0.31
N GLN A 278 4.99 0.21 -0.33
CA GLN A 278 4.60 1.54 0.13
C GLN A 278 3.35 2.03 -0.60
N ILE A 279 3.17 1.64 -1.88
CA ILE A 279 2.04 2.09 -2.71
C ILE A 279 0.67 1.85 -2.05
N PRO A 280 0.26 0.60 -1.69
CA PRO A 280 -1.07 0.43 -1.07
C PRO A 280 -1.22 1.12 0.29
N ALA A 281 -0.14 1.20 1.09
CA ALA A 281 -0.18 1.86 2.42
C ALA A 281 -0.40 3.38 2.36
N LEU A 282 0.30 4.08 1.47
CA LEU A 282 0.16 5.53 1.34
C LEU A 282 -1.24 5.87 0.76
N ALA A 283 -1.74 5.06 -0.18
CA ALA A 283 -3.07 5.27 -0.74
C ALA A 283 -4.13 5.14 0.38
N GLN A 284 -4.00 4.10 1.21
CA GLN A 284 -4.89 3.88 2.35
C GLN A 284 -4.82 5.01 3.39
N ALA A 285 -3.64 5.65 3.54
CA ALA A 285 -3.48 6.76 4.48
C ALA A 285 -4.11 8.07 4.01
N GLY A 286 -4.54 8.17 2.75
CA GLY A 286 -5.20 9.37 2.25
C GLY A 286 -4.40 10.14 1.22
N TYR A 287 -3.58 9.43 0.44
CA TYR A 287 -2.74 10.08 -0.55
C TYR A 287 -2.91 9.48 -1.95
N ARG A 288 -2.61 10.29 -2.98
CA ARG A 288 -2.62 9.84 -4.37
C ARG A 288 -1.16 9.57 -4.73
N VAL A 289 -0.83 8.31 -4.91
CA VAL A 289 0.53 7.87 -5.14
C VAL A 289 0.82 7.70 -6.62
N LEU A 290 1.92 8.28 -7.09
CA LEU A 290 2.39 8.12 -8.47
C LEU A 290 3.79 7.53 -8.36
N ALA A 291 3.96 6.26 -8.75
CA ALA A 291 5.27 5.61 -8.66
C ALA A 291 5.86 5.52 -10.04
N MET A 292 6.95 6.25 -10.24
CA MET A 292 7.62 6.37 -11.52
C MET A 292 8.52 5.23 -11.97
N ASP A 293 8.61 5.05 -13.29
CA ASP A 293 9.70 4.30 -13.88
C ASP A 293 10.56 5.50 -14.30
N MET A 294 11.72 5.72 -13.66
CA MET A 294 12.57 6.87 -14.01
C MET A 294 13.11 6.72 -15.45
N LYS A 295 13.60 7.81 -16.06
CA LYS A 295 14.14 7.77 -17.42
C LYS A 295 15.30 6.76 -17.51
N GLY A 296 15.18 5.83 -18.47
CA GLY A 296 16.17 4.78 -18.71
C GLY A 296 15.72 3.39 -18.28
N TYR A 297 14.57 3.30 -17.60
CA TYR A 297 14.06 2.09 -17.00
C TYR A 297 12.63 1.69 -17.44
N GLY A 298 12.39 0.39 -17.40
CA GLY A 298 11.10 -0.23 -17.67
C GLY A 298 10.40 0.26 -18.91
N GLU A 299 9.16 0.74 -18.73
CA GLU A 299 8.33 1.25 -19.81
C GLU A 299 8.54 2.72 -20.14
N SER A 300 9.49 3.39 -19.49
CA SER A 300 9.84 4.77 -19.81
C SER A 300 10.90 4.79 -20.93
N SER A 301 11.03 5.90 -21.64
CA SER A 301 11.99 6.00 -22.73
C SER A 301 13.42 5.82 -22.23
N ALA A 302 14.24 5.18 -23.06
CA ALA A 302 15.63 4.95 -22.73
C ALA A 302 16.58 5.44 -23.86
N PRO A 303 16.66 6.77 -24.12
CA PRO A 303 17.57 7.23 -25.18
C PRO A 303 19.03 6.88 -24.89
N PRO A 304 19.84 6.61 -25.92
CA PRO A 304 21.22 6.16 -25.66
C PRO A 304 22.23 7.24 -25.29
N GLU A 305 21.94 8.51 -25.58
CA GLU A 305 22.87 9.61 -25.32
C GLU A 305 23.12 9.88 -23.84
N ILE A 306 24.40 9.98 -23.44
CA ILE A 306 24.81 10.22 -22.06
C ILE A 306 24.15 11.44 -21.40
N GLU A 307 24.20 12.57 -22.09
CA GLU A 307 23.72 13.87 -21.61
C GLU A 307 22.20 13.95 -21.38
N GLU A 308 21.44 12.94 -21.83
CA GLU A 308 20.01 12.88 -21.53
C GLU A 308 19.75 12.52 -20.05
N TYR A 309 20.80 12.12 -19.30
CA TYR A 309 20.70 11.66 -17.93
C TYR A 309 21.41 12.55 -16.90
N CYS A 310 21.76 13.77 -17.28
CA CYS A 310 22.33 14.71 -16.32
C CYS A 310 21.16 15.25 -15.45
N MET A 311 21.45 15.64 -14.19
CA MET A 311 20.42 16.07 -13.22
C MET A 311 19.52 17.18 -13.72
N GLU A 312 20.09 18.16 -14.42
CA GLU A 312 19.34 19.29 -14.95
C GLU A 312 18.22 18.85 -15.89
N VAL A 313 18.51 17.89 -16.78
CA VAL A 313 17.52 17.38 -17.72
C VAL A 313 16.48 16.56 -16.98
N LEU A 314 16.93 15.66 -16.11
CA LEU A 314 16.01 14.81 -15.34
C LEU A 314 15.03 15.63 -14.49
N CYS A 315 15.51 16.74 -13.88
CA CYS A 315 14.67 17.60 -13.06
C CYS A 315 13.63 18.38 -13.88
N LYS A 316 14.02 18.90 -15.06
CA LYS A 316 13.13 19.64 -15.94
C LYS A 316 12.00 18.77 -16.43
N GLU A 317 12.29 17.49 -16.76
CA GLU A 317 11.27 16.54 -17.20
C GLU A 317 10.27 16.21 -16.09
N MET A 318 10.70 16.20 -14.84
CA MET A 318 9.82 15.95 -13.71
C MET A 318 8.82 17.09 -13.52
N VAL A 319 9.25 18.33 -13.77
CA VAL A 319 8.37 19.48 -13.72
C VAL A 319 7.35 19.38 -14.88
N THR A 320 7.81 19.05 -16.10
CA THR A 320 6.90 18.87 -17.24
C THR A 320 5.88 17.76 -16.96
N PHE A 321 6.29 16.72 -16.24
CA PHE A 321 5.41 15.62 -15.86
C PHE A 321 4.23 16.15 -14.99
N LEU A 322 4.53 17.03 -14.02
CA LEU A 322 3.51 17.66 -13.14
C LEU A 322 2.61 18.59 -13.96
N ASP A 323 3.19 19.38 -14.87
CA ASP A 323 2.42 20.27 -15.74
C ASP A 323 1.43 19.49 -16.60
N LYS A 324 1.87 18.40 -17.27
CA LYS A 324 0.99 17.64 -18.15
C LYS A 324 -0.12 16.92 -17.38
N LEU A 325 0.16 16.53 -16.14
CA LEU A 325 -0.85 15.89 -15.30
C LEU A 325 -1.82 16.91 -14.65
N GLY A 326 -1.47 18.21 -14.67
CA GLY A 326 -2.29 19.27 -14.08
C GLY A 326 -2.13 19.37 -12.58
N LEU A 327 -0.92 19.07 -12.07
CA LEU A 327 -0.60 19.13 -10.66
C LEU A 327 0.29 20.31 -10.38
N SER A 328 -0.15 21.24 -9.54
CA SER A 328 0.69 22.38 -9.19
C SER A 328 1.82 21.98 -8.25
N GLN A 329 1.57 21.03 -7.35
CA GLN A 329 2.57 20.53 -6.39
C GLN A 329 2.47 19.02 -6.20
N ALA A 330 3.57 18.40 -5.73
CA ALA A 330 3.59 17.01 -5.30
C ALA A 330 4.65 16.86 -4.19
N VAL A 331 4.44 15.92 -3.29
CA VAL A 331 5.43 15.59 -2.28
C VAL A 331 6.44 14.69 -3.04
N PHE A 332 7.75 14.95 -2.93
CA PHE A 332 8.74 14.11 -3.62
C PHE A 332 9.51 13.22 -2.66
N ILE A 333 9.41 11.91 -2.84
CA ILE A 333 10.11 10.92 -2.03
C ILE A 333 11.06 10.08 -2.93
N GLY A 334 12.35 10.18 -2.66
CA GLY A 334 13.35 9.46 -3.44
C GLY A 334 14.23 8.54 -2.62
N HIS A 335 14.85 7.57 -3.30
CA HIS A 335 15.79 6.60 -2.72
C HIS A 335 16.96 6.46 -3.68
N ASP A 336 18.20 6.42 -3.13
CA ASP A 336 19.40 6.22 -3.92
C ASP A 336 19.54 7.36 -4.97
N TRP A 337 19.67 7.08 -6.29
CA TRP A 337 19.73 8.13 -7.31
C TRP A 337 18.47 9.00 -7.30
N GLY A 338 17.33 8.41 -6.97
CA GLY A 338 16.07 9.15 -6.88
C GLY A 338 16.04 10.16 -5.74
N GLY A 339 16.77 9.87 -4.67
CA GLY A 339 16.85 10.72 -3.49
C GLY A 339 17.70 11.93 -3.74
N MET A 340 18.74 11.75 -4.57
CA MET A 340 19.62 12.80 -5.04
C MET A 340 18.77 13.80 -5.87
N LEU A 341 17.96 13.27 -6.79
CA LEU A 341 17.08 14.03 -7.66
C LEU A 341 16.09 14.89 -6.84
N VAL A 342 15.43 14.32 -5.80
CA VAL A 342 14.44 15.06 -5.02
C VAL A 342 15.08 16.22 -4.22
N TRP A 343 16.36 16.09 -3.77
CA TRP A 343 17.00 17.24 -3.11
C TRP A 343 17.20 18.37 -4.11
N TYR A 344 17.54 18.05 -5.36
CA TYR A 344 17.71 19.03 -6.40
C TYR A 344 16.36 19.60 -6.89
N MET A 345 15.25 18.83 -6.79
CA MET A 345 13.93 19.35 -7.11
C MET A 345 13.57 20.43 -6.06
N ALA A 346 13.94 20.22 -4.77
CA ALA A 346 13.62 21.18 -3.71
C ALA A 346 14.51 22.43 -3.79
N LEU A 347 15.75 22.30 -4.29
CA LEU A 347 16.68 23.41 -4.42
C LEU A 347 16.37 24.27 -5.64
N PHE A 348 15.86 23.66 -6.72
CA PHE A 348 15.65 24.38 -7.99
C PHE A 348 14.19 24.71 -8.29
N TYR A 349 13.22 23.94 -7.77
CA TYR A 349 11.78 24.17 -7.99
C TYR A 349 10.96 24.06 -6.67
N PRO A 350 11.28 24.85 -5.63
CA PRO A 350 10.53 24.72 -4.35
C PRO A 350 9.03 24.90 -4.44
N GLU A 351 8.55 25.76 -5.36
CA GLU A 351 7.12 25.99 -5.53
C GLU A 351 6.37 24.73 -5.97
N ARG A 352 7.04 23.81 -6.65
CA ARG A 352 6.40 22.59 -7.13
C ARG A 352 6.50 21.41 -6.13
N VAL A 353 7.32 21.56 -5.09
CA VAL A 353 7.56 20.53 -4.11
C VAL A 353 6.82 20.89 -2.81
N ARG A 354 5.78 20.13 -2.47
CA ARG A 354 5.01 20.33 -1.25
C ARG A 354 5.88 19.99 -0.02
N ALA A 355 6.61 18.88 -0.11
CA ALA A 355 7.51 18.37 0.93
C ALA A 355 8.52 17.41 0.28
N VAL A 356 9.70 17.27 0.89
CA VAL A 356 10.75 16.43 0.31
C VAL A 356 11.30 15.42 1.30
N ALA A 357 11.46 14.16 0.85
CA ALA A 357 12.04 13.13 1.70
C ALA A 357 13.01 12.25 0.92
N SER A 358 14.15 11.93 1.55
CA SER A 358 15.13 11.03 0.95
C SER A 358 15.40 9.85 1.86
N LEU A 359 15.49 8.67 1.27
CA LEU A 359 15.86 7.45 1.97
C LEU A 359 17.31 7.17 1.57
N ASN A 360 18.23 7.05 2.56
CA ASN A 360 19.67 6.73 2.46
C ASN A 360 20.54 7.83 1.88
N THR A 361 20.09 8.49 0.81
CA THR A 361 20.87 9.52 0.11
C THR A 361 20.89 10.83 0.87
N PRO A 362 22.07 11.27 1.32
CA PRO A 362 22.14 12.56 2.00
C PRO A 362 22.23 13.74 1.02
N PHE A 363 21.99 14.98 1.52
CA PHE A 363 22.21 16.14 0.68
C PHE A 363 23.69 16.49 0.83
N ILE A 364 24.44 16.48 -0.27
CA ILE A 364 25.86 16.81 -0.24
C ILE A 364 26.09 18.00 -1.15
N PRO A 365 26.48 19.14 -0.57
CA PRO A 365 26.72 20.32 -1.41
C PRO A 365 27.98 20.13 -2.26
N ALA A 366 27.98 20.69 -3.47
CA ALA A 366 29.13 20.56 -4.36
C ALA A 366 30.33 21.32 -3.82
N ASN A 367 31.53 20.78 -4.00
CA ASN A 367 32.75 21.45 -3.56
C ASN A 367 33.29 22.22 -4.76
N PRO A 368 33.28 23.54 -4.73
CA PRO A 368 33.77 24.32 -5.89
C PRO A 368 35.29 24.27 -6.08
N ASN A 369 36.02 23.81 -5.08
CA ASN A 369 37.48 23.73 -5.17
C ASN A 369 38.02 22.36 -5.59
N MET A 370 37.15 21.36 -5.72
CA MET A 370 37.58 20.01 -6.06
C MET A 370 36.67 19.36 -7.09
N SER A 371 37.27 18.85 -8.18
CA SER A 371 36.59 18.15 -9.25
C SER A 371 35.90 16.90 -8.68
N PRO A 372 34.69 16.56 -9.14
CA PRO A 372 34.00 15.38 -8.59
C PRO A 372 34.75 14.06 -8.77
N LEU A 373 35.54 13.93 -9.86
CA LEU A 373 36.31 12.72 -10.09
C LEU A 373 37.48 12.54 -9.11
N GLU A 374 37.96 13.63 -8.50
CA GLU A 374 39.03 13.53 -7.51
C GLU A 374 38.49 13.30 -6.10
N SER A 375 37.25 13.72 -5.83
CA SER A 375 36.58 13.45 -4.57
C SER A 375 36.20 11.95 -4.52
N ILE A 376 35.84 11.36 -5.70
CA ILE A 376 35.50 9.96 -5.90
C ILE A 376 36.72 9.08 -5.62
N LYS A 377 37.91 9.52 -6.09
CA LYS A 377 39.15 8.77 -5.86
C LYS A 377 39.59 8.78 -4.38
N ALA A 378 39.20 9.83 -3.64
CA ALA A 378 39.52 9.93 -2.20
C ALA A 378 38.79 8.84 -1.39
N ASN A 379 37.58 8.44 -1.84
CA ASN A 379 36.81 7.40 -1.15
C ASN A 379 37.02 6.05 -1.83
N PRO A 380 37.69 5.10 -1.15
CA PRO A 380 37.91 3.78 -1.75
C PRO A 380 36.62 2.97 -1.94
N VAL A 381 35.54 3.27 -1.18
CA VAL A 381 34.28 2.55 -1.38
C VAL A 381 33.63 2.94 -2.72
N PHE A 382 33.85 4.18 -3.20
CA PHE A 382 33.32 4.69 -4.47
C PHE A 382 34.18 4.34 -5.68
N ASP A 383 35.04 3.32 -5.57
CA ASP A 383 35.91 2.90 -6.67
C ASP A 383 35.09 2.38 -7.85
N TYR A 384 33.98 1.69 -7.57
CA TYR A 384 33.08 1.12 -8.58
C TYR A 384 32.51 2.22 -9.53
N GLN A 385 32.47 3.49 -9.07
CA GLN A 385 31.97 4.57 -9.91
C GLN A 385 32.93 4.85 -11.07
N LEU A 386 34.23 4.61 -10.88
CA LEU A 386 35.21 4.78 -11.96
C LEU A 386 35.05 3.66 -13.00
N TYR A 387 34.71 2.44 -12.56
CA TYR A 387 34.44 1.30 -13.42
C TYR A 387 33.22 1.58 -14.33
N PHE A 388 32.23 2.34 -13.82
CA PHE A 388 31.01 2.65 -14.54
C PHE A 388 31.20 3.72 -15.63
N GLN A 389 32.30 4.46 -15.63
CA GLN A 389 32.52 5.54 -16.58
C GLN A 389 32.65 5.14 -18.07
N GLU A 390 33.42 4.10 -18.40
CA GLU A 390 33.64 3.70 -19.80
C GLU A 390 32.40 3.07 -20.44
N PRO A 391 31.86 3.69 -21.50
CA PRO A 391 30.65 3.13 -22.11
C PRO A 391 30.88 1.76 -22.74
N GLY A 392 30.05 0.79 -22.34
CA GLY A 392 30.08 -0.57 -22.86
C GLY A 392 30.63 -1.59 -21.90
N VAL A 393 31.63 -1.17 -21.11
CA VAL A 393 32.32 -2.02 -20.16
C VAL A 393 31.35 -2.60 -19.10
N ALA A 394 30.78 -1.78 -18.21
CA ALA A 394 29.86 -2.30 -17.19
C ALA A 394 28.59 -2.87 -17.79
N GLU A 395 28.11 -2.35 -18.96
CA GLU A 395 26.91 -2.86 -19.62
C GLU A 395 27.06 -4.34 -19.94
N ALA A 396 28.16 -4.73 -20.63
CA ALA A 396 28.39 -6.12 -21.03
C ALA A 396 28.38 -7.07 -19.86
N GLU A 397 29.03 -6.71 -18.74
CA GLU A 397 29.02 -7.57 -17.57
C GLU A 397 27.65 -7.66 -16.90
N LEU A 398 26.91 -6.55 -16.81
CA LEU A 398 25.59 -6.55 -16.16
C LEU A 398 24.48 -7.18 -17.01
N GLU A 399 24.61 -7.13 -18.34
CA GLU A 399 23.63 -7.73 -19.25
C GLU A 399 23.94 -9.19 -19.63
N GLN A 400 25.17 -9.68 -19.33
CA GLN A 400 25.59 -11.03 -19.66
C GLN A 400 24.64 -12.08 -19.07
N ASN A 401 24.21 -11.88 -17.81
CA ASN A 401 23.29 -12.80 -17.18
C ASN A 401 22.41 -11.97 -16.24
N LEU A 402 21.20 -11.62 -16.72
CA LEU A 402 20.28 -10.77 -15.95
C LEU A 402 19.86 -11.36 -14.64
N SER A 403 19.63 -12.66 -14.62
CA SER A 403 19.21 -13.34 -13.40
C SER A 403 20.31 -13.25 -12.34
N ARG A 404 21.57 -13.42 -12.75
CA ARG A 404 22.74 -13.36 -11.87
C ARG A 404 22.91 -11.95 -11.31
N THR A 405 22.77 -10.93 -12.15
CA THR A 405 22.87 -9.52 -11.77
C THR A 405 21.92 -9.14 -10.63
N PHE A 406 20.60 -9.42 -10.77
CA PHE A 406 19.65 -9.02 -9.74
C PHE A 406 19.74 -9.85 -8.48
N LYS A 407 20.11 -11.14 -8.60
CA LYS A 407 20.28 -11.98 -7.42
C LYS A 407 21.54 -11.57 -6.63
N SER A 408 22.60 -11.16 -7.33
CA SER A 408 23.83 -10.71 -6.69
C SER A 408 23.67 -9.34 -6.00
N LEU A 409 22.83 -8.47 -6.55
CA LEU A 409 22.66 -7.13 -5.99
C LEU A 409 21.61 -7.04 -4.88
N PHE A 410 20.41 -7.61 -5.10
CA PHE A 410 19.31 -7.48 -4.15
C PHE A 410 19.44 -8.42 -2.94
N ARG A 411 20.38 -8.12 -2.05
CA ARG A 411 20.63 -8.94 -0.88
C ARG A 411 20.63 -8.09 0.40
N ALA A 412 20.27 -8.71 1.55
CA ALA A 412 20.32 -8.01 2.84
C ALA A 412 21.79 -7.72 3.26
N SER A 413 22.02 -6.85 4.27
CA SER A 413 23.40 -6.45 4.61
C SER A 413 24.31 -7.59 5.10
N ASP A 414 23.74 -8.60 5.75
CA ASP A 414 24.53 -9.75 6.17
C ASP A 414 24.75 -10.75 5.01
N GLU A 415 23.89 -10.74 3.97
CA GLU A 415 24.02 -11.65 2.83
C GLU A 415 24.92 -11.13 1.71
N SER A 416 25.64 -10.02 1.92
CA SER A 416 26.46 -9.39 0.89
C SER A 416 27.41 -10.34 0.15
N VAL A 417 27.58 -10.12 -1.15
CA VAL A 417 28.41 -11.01 -1.97
C VAL A 417 29.42 -10.23 -2.85
N LEU A 418 29.50 -8.89 -2.71
CA LEU A 418 30.43 -8.07 -3.49
C LEU A 418 31.32 -7.23 -2.59
N SER A 419 32.52 -6.88 -3.08
CA SER A 419 33.47 -6.01 -2.40
C SER A 419 33.56 -4.75 -3.26
N MET A 420 33.10 -3.60 -2.77
CA MET A 420 33.06 -2.38 -3.59
C MET A 420 34.40 -1.67 -3.81
N HIS A 421 35.45 -2.13 -3.12
CA HIS A 421 36.79 -1.58 -3.29
C HIS A 421 37.61 -2.48 -4.24
N LYS A 422 38.49 -1.87 -5.02
CA LYS A 422 39.34 -2.55 -5.98
C LYS A 422 38.52 -3.31 -7.02
N VAL A 423 37.41 -2.70 -7.45
CA VAL A 423 36.54 -3.20 -8.51
C VAL A 423 37.29 -3.04 -9.85
N CYS A 424 37.99 -1.90 -10.03
CA CYS A 424 38.76 -1.63 -11.23
C CYS A 424 40.00 -2.53 -11.32
N GLU A 425 40.65 -2.79 -10.17
CA GLU A 425 41.82 -3.68 -10.12
C GLU A 425 41.41 -5.09 -10.54
N ALA A 426 40.29 -5.56 -9.98
CA ALA A 426 39.75 -6.88 -10.25
C ALA A 426 39.16 -7.05 -11.67
N GLY A 427 38.79 -5.94 -12.30
CA GLY A 427 38.22 -5.95 -13.65
C GLY A 427 36.76 -6.32 -13.74
N GLY A 428 35.99 -6.00 -12.70
CA GLY A 428 34.56 -6.30 -12.70
C GLY A 428 33.90 -6.32 -11.34
N LEU A 429 32.59 -6.15 -11.31
CA LEU A 429 31.80 -6.17 -10.09
C LEU A 429 31.58 -7.60 -9.57
N PHE A 430 31.52 -8.59 -10.48
CA PHE A 430 31.23 -9.98 -10.11
C PHE A 430 32.39 -10.95 -10.36
N VAL A 431 33.65 -10.48 -10.31
CA VAL A 431 34.81 -11.35 -10.55
C VAL A 431 35.06 -12.33 -9.40
N ASN A 432 34.77 -11.91 -8.17
CA ASN A 432 34.93 -12.80 -7.02
C ASN A 432 33.58 -13.26 -6.49
N SER A 433 32.57 -13.34 -7.36
CA SER A 433 31.21 -13.71 -7.00
C SER A 433 30.79 -15.04 -7.62
N PRO A 434 29.87 -15.76 -6.96
CA PRO A 434 29.41 -17.03 -7.55
C PRO A 434 28.58 -16.82 -8.82
N GLU A 435 28.67 -17.77 -9.78
CA GLU A 435 27.89 -17.64 -11.01
C GLU A 435 26.39 -17.84 -10.72
N GLU A 436 26.06 -18.72 -9.77
CA GLU A 436 24.66 -18.92 -9.39
C GLU A 436 24.49 -18.58 -7.92
N PRO A 437 24.23 -17.30 -7.61
CA PRO A 437 24.08 -16.92 -6.20
C PRO A 437 22.77 -17.39 -5.56
N SER A 438 22.75 -17.53 -4.23
CA SER A 438 21.55 -17.94 -3.52
C SER A 438 20.46 -16.85 -3.55
N LEU A 439 19.20 -17.24 -3.33
CA LEU A 439 18.11 -16.26 -3.33
C LEU A 439 18.07 -15.60 -1.95
N SER A 440 18.07 -14.26 -1.93
CA SER A 440 18.01 -13.50 -0.69
C SER A 440 16.67 -13.72 0.04
N ARG A 441 16.66 -13.48 1.35
CA ARG A 441 15.44 -13.56 2.15
C ARG A 441 14.47 -12.38 1.87
N MET A 442 14.98 -11.27 1.31
CA MET A 442 14.16 -10.10 1.00
C MET A 442 13.22 -10.32 -0.18
N VAL A 443 13.68 -11.07 -1.20
CA VAL A 443 12.90 -11.20 -2.42
C VAL A 443 12.56 -12.61 -2.81
N THR A 444 11.45 -12.77 -3.54
CA THR A 444 11.02 -14.04 -4.08
C THR A 444 11.62 -14.21 -5.50
N GLU A 445 11.54 -15.42 -6.07
CA GLU A 445 12.03 -15.68 -7.41
C GLU A 445 11.18 -14.88 -8.42
N GLU A 446 9.85 -14.82 -8.21
CA GLU A 446 8.90 -14.09 -9.05
C GLU A 446 9.23 -12.59 -9.09
N GLU A 447 9.55 -12.01 -7.92
CA GLU A 447 9.93 -10.60 -7.83
C GLU A 447 11.21 -10.31 -8.61
N ILE A 448 12.22 -11.22 -8.56
CA ILE A 448 13.47 -11.10 -9.34
C ILE A 448 13.16 -11.15 -10.84
N GLN A 449 12.26 -12.06 -11.22
CA GLN A 449 11.85 -12.23 -12.60
C GLN A 449 11.15 -11.00 -13.18
N PHE A 450 10.47 -10.20 -12.33
CA PHE A 450 9.85 -8.95 -12.80
C PHE A 450 10.94 -7.99 -13.28
N TYR A 451 12.03 -7.85 -12.53
CA TYR A 451 13.11 -6.96 -12.89
C TYR A 451 13.83 -7.47 -14.14
N VAL A 452 14.01 -8.79 -14.26
CA VAL A 452 14.68 -9.40 -15.41
C VAL A 452 13.91 -9.06 -16.72
N GLN A 453 12.58 -9.14 -16.67
CA GLN A 453 11.69 -8.83 -17.78
C GLN A 453 11.78 -7.35 -18.18
N GLN A 454 11.88 -6.45 -17.20
CA GLN A 454 11.97 -5.02 -17.48
C GLN A 454 13.32 -4.67 -18.09
N PHE A 455 14.42 -5.26 -17.59
CA PHE A 455 15.75 -4.92 -18.11
C PHE A 455 16.10 -5.64 -19.44
N LYS A 456 15.30 -6.63 -19.84
CA LYS A 456 15.48 -7.31 -21.11
C LYS A 456 15.08 -6.35 -22.25
N LYS A 457 14.08 -5.50 -22.02
CA LYS A 457 13.65 -4.52 -22.99
C LYS A 457 14.66 -3.36 -23.03
N SER A 458 14.85 -2.67 -21.89
CA SER A 458 15.68 -1.48 -21.79
C SER A 458 17.22 -1.67 -21.87
N GLY A 459 17.77 -2.59 -21.08
CA GLY A 459 19.22 -2.73 -20.99
C GLY A 459 19.80 -1.84 -19.89
N PHE A 460 21.13 -1.78 -19.80
CA PHE A 460 21.81 -1.01 -18.77
C PHE A 460 22.44 0.28 -19.23
N ARG A 461 22.37 0.62 -20.52
CA ARG A 461 22.95 1.87 -21.03
C ARG A 461 22.33 3.10 -20.32
N GLY A 462 21.00 3.24 -20.40
CA GLY A 462 20.24 4.32 -19.76
C GLY A 462 20.53 4.45 -18.28
N PRO A 463 20.27 3.39 -17.51
CA PRO A 463 20.58 3.42 -16.10
C PRO A 463 22.04 3.76 -15.75
N LEU A 464 23.03 3.23 -16.51
CA LEU A 464 24.45 3.53 -16.23
C LEU A 464 24.83 4.95 -16.58
N ASN A 465 24.11 5.57 -17.54
CA ASN A 465 24.38 6.96 -17.94
C ASN A 465 24.13 7.95 -16.82
N TRP A 466 23.35 7.59 -15.77
CA TRP A 466 23.13 8.49 -14.63
C TRP A 466 24.45 8.79 -13.89
N TYR A 467 25.47 7.90 -14.03
CA TYR A 467 26.81 8.01 -13.44
C TYR A 467 27.81 8.72 -14.36
N ARG A 468 27.47 8.92 -15.65
CA ARG A 468 28.41 9.47 -16.61
C ARG A 468 28.26 10.98 -16.83
N ASN A 469 27.74 11.70 -15.83
CA ASN A 469 27.59 13.15 -15.90
C ASN A 469 28.14 13.83 -14.63
N MET A 470 29.22 13.28 -14.04
CA MET A 470 29.79 13.83 -12.81
C MET A 470 30.14 15.32 -12.93
N GLU A 471 30.84 15.69 -14.00
CA GLU A 471 31.27 17.06 -14.28
C GLU A 471 30.09 18.00 -14.56
N ARG A 472 29.13 17.57 -15.39
N ARG A 472 29.13 17.56 -15.39
CA ARG A 472 27.95 18.40 -15.72
CA ARG A 472 27.97 18.39 -15.73
C ARG A 472 27.10 18.64 -14.47
C ARG A 472 27.05 18.62 -14.52
N ASN A 473 26.90 17.62 -13.65
CA ASN A 473 26.08 17.73 -12.44
C ASN A 473 26.77 18.66 -11.42
N TRP A 474 28.09 18.57 -11.32
CA TRP A 474 28.89 19.41 -10.43
C TRP A 474 28.75 20.91 -10.73
N LYS A 475 28.92 21.30 -12.02
CA LYS A 475 28.77 22.70 -12.43
C LYS A 475 27.37 23.24 -12.14
N TRP A 476 26.33 22.44 -12.45
CA TRP A 476 24.95 22.84 -12.23
C TRP A 476 24.63 23.01 -10.74
N ALA A 477 25.13 22.14 -9.89
CA ALA A 477 24.88 22.19 -8.46
C ALA A 477 25.61 23.35 -7.77
N CYS A 478 26.72 23.84 -8.36
CA CYS A 478 27.47 24.98 -7.82
C CYS A 478 26.65 26.29 -7.84
N LYS A 479 25.56 26.35 -8.63
CA LYS A 479 24.64 27.49 -8.69
C LYS A 479 23.75 27.60 -7.44
N SER A 480 23.68 26.55 -6.59
CA SER A 480 22.80 26.57 -5.42
C SER A 480 23.53 26.71 -4.09
N LEU A 481 24.85 26.94 -4.09
CA LEU A 481 25.63 27.01 -2.86
C LEU A 481 25.19 28.12 -1.87
N GLY A 482 24.47 29.13 -2.34
CA GLY A 482 23.96 30.17 -1.46
C GLY A 482 22.58 29.88 -0.88
N ARG A 483 21.92 28.82 -1.35
CA ARG A 483 20.57 28.51 -0.91
C ARG A 483 20.51 27.58 0.31
N LYS A 484 19.35 27.58 0.96
CA LYS A 484 19.00 26.68 2.03
C LYS A 484 17.65 26.05 1.68
N ILE A 485 17.42 24.80 2.11
CA ILE A 485 16.14 24.15 1.86
C ILE A 485 15.29 24.49 3.07
N LEU A 486 14.24 25.31 2.86
CA LEU A 486 13.39 25.81 3.93
C LEU A 486 11.93 25.33 3.86
N ILE A 487 11.65 24.32 3.03
CA ILE A 487 10.35 23.68 2.93
C ILE A 487 10.40 22.39 3.80
N PRO A 488 9.26 21.75 4.13
CA PRO A 488 9.33 20.54 4.99
C PRO A 488 10.22 19.43 4.41
N ALA A 489 11.21 18.98 5.20
CA ALA A 489 12.18 17.99 4.78
C ALA A 489 12.37 16.86 5.79
N LEU A 490 12.59 15.63 5.26
CA LEU A 490 12.81 14.42 6.04
C LEU A 490 14.00 13.63 5.49
N MET A 491 14.97 13.31 6.35
CA MET A 491 16.12 12.50 5.95
C MET A 491 16.00 11.19 6.70
N VAL A 492 15.97 10.06 5.97
CA VAL A 492 15.91 8.75 6.60
C VAL A 492 17.22 8.02 6.36
N THR A 493 17.96 7.72 7.44
CA THR A 493 19.24 6.98 7.30
C THR A 493 19.05 5.49 7.52
N ALA A 494 19.90 4.67 6.91
CA ALA A 494 19.88 3.21 7.02
C ALA A 494 21.23 2.76 7.62
N GLU A 495 21.20 2.26 8.85
CA GLU A 495 22.37 1.85 9.63
C GLU A 495 23.43 1.00 8.89
N LYS A 496 22.99 0.00 8.15
CA LYS A 496 23.90 -0.92 7.47
C LYS A 496 24.09 -0.67 5.97
N ASP A 497 23.89 0.58 5.50
CA ASP A 497 24.18 0.86 4.09
C ASP A 497 25.68 1.15 4.07
N PHE A 498 26.46 0.27 3.44
CA PHE A 498 27.92 0.40 3.43
C PHE A 498 28.44 1.38 2.39
N VAL A 499 27.57 1.90 1.50
CA VAL A 499 27.93 2.90 0.51
C VAL A 499 27.45 4.29 1.02
N LEU A 500 26.14 4.44 1.23
CA LEU A 500 25.52 5.64 1.74
C LEU A 500 25.39 5.50 3.27
N VAL A 501 26.53 5.64 3.97
CA VAL A 501 26.60 5.51 5.42
C VAL A 501 25.88 6.67 6.14
N PRO A 502 25.25 6.40 7.30
CA PRO A 502 24.55 7.47 8.03
C PRO A 502 25.41 8.71 8.34
N GLN A 503 26.70 8.52 8.64
CA GLN A 503 27.63 9.62 8.94
C GLN A 503 27.82 10.60 7.79
N MET A 504 27.47 10.20 6.55
CA MET A 504 27.54 11.09 5.38
C MET A 504 26.49 12.23 5.44
N SER A 505 25.47 12.11 6.30
CA SER A 505 24.41 13.09 6.44
C SER A 505 24.54 14.01 7.67
N GLN A 506 25.61 13.87 8.47
CA GLN A 506 25.70 14.59 9.74
C GLN A 506 25.69 16.14 9.66
N HIS A 507 26.23 16.75 8.60
CA HIS A 507 26.23 18.21 8.49
C HIS A 507 25.01 18.78 7.73
N MET A 508 23.98 17.96 7.46
CA MET A 508 22.78 18.36 6.70
C MET A 508 21.97 19.51 7.33
N GLU A 509 22.04 19.63 8.66
CA GLU A 509 21.33 20.70 9.36
C GLU A 509 21.85 22.08 9.03
N ASP A 510 23.11 22.20 8.56
CA ASP A 510 23.68 23.48 8.13
C ASP A 510 22.92 24.05 6.91
N TRP A 511 22.35 23.17 6.05
CA TRP A 511 21.67 23.53 4.80
C TRP A 511 20.15 23.41 4.86
N ILE A 512 19.63 22.62 5.81
CA ILE A 512 18.20 22.38 5.99
C ILE A 512 18.00 22.52 7.50
N PRO A 513 17.81 23.76 8.00
CA PRO A 513 17.81 23.96 9.46
C PRO A 513 16.72 23.23 10.23
N HIS A 514 15.52 23.15 9.66
CA HIS A 514 14.42 22.48 10.34
C HIS A 514 14.18 21.05 9.90
N LEU A 515 15.24 20.39 9.41
CA LEU A 515 15.24 19.02 8.92
C LEU A 515 14.70 18.03 9.97
N LYS A 516 13.76 17.19 9.54
CA LYS A 516 13.28 16.13 10.38
C LYS A 516 14.05 14.86 10.04
N ARG A 517 14.35 14.05 11.04
CA ARG A 517 15.12 12.84 10.84
C ARG A 517 14.37 11.58 11.22
N GLY A 518 14.79 10.50 10.58
CA GLY A 518 14.33 9.13 10.79
C GLY A 518 15.54 8.23 10.67
N HIS A 519 15.59 7.18 11.47
CA HIS A 519 16.73 6.24 11.42
C HIS A 519 16.23 4.82 11.49
N ILE A 520 16.73 3.95 10.61
CA ILE A 520 16.33 2.55 10.59
C ILE A 520 17.52 1.62 10.89
N GLU A 521 17.46 0.90 12.00
CA GLU A 521 18.54 0.00 12.39
C GLU A 521 18.44 -1.31 11.65
N ASP A 522 19.59 -1.96 11.44
CA ASP A 522 19.69 -3.26 10.77
C ASP A 522 19.09 -3.21 9.35
N CYS A 523 19.23 -2.06 8.68
CA CYS A 523 18.71 -1.86 7.35
C CYS A 523 19.85 -1.61 6.40
N GLY A 524 19.85 -2.33 5.27
CA GLY A 524 20.88 -2.15 4.25
C GLY A 524 20.50 -1.13 3.20
N HIS A 525 21.12 -1.21 2.01
CA HIS A 525 20.87 -0.30 0.89
C HIS A 525 19.42 -0.33 0.32
N TRP A 526 18.83 -1.51 0.20
CA TRP A 526 17.52 -1.70 -0.41
C TRP A 526 16.39 -1.50 0.57
N THR A 527 16.39 -0.34 1.20
CA THR A 527 15.50 0.12 2.27
C THR A 527 14.02 -0.25 2.16
N GLN A 528 13.38 0.00 1.00
CA GLN A 528 11.94 -0.21 0.82
C GLN A 528 11.49 -1.63 1.04
N MET A 529 12.28 -2.57 0.53
CA MET A 529 11.98 -3.99 0.60
C MET A 529 12.70 -4.70 1.76
N ASP A 530 13.68 -4.06 2.40
CA ASP A 530 14.42 -4.60 3.54
C ASP A 530 13.58 -4.41 4.80
N LYS A 531 13.07 -3.18 5.04
CA LYS A 531 12.27 -2.85 6.21
C LYS A 531 10.98 -2.11 5.79
N PRO A 532 10.08 -2.77 5.05
CA PRO A 532 8.87 -2.08 4.55
C PRO A 532 7.94 -1.46 5.61
N THR A 533 7.66 -2.13 6.70
CA THR A 533 6.77 -1.62 7.75
C THR A 533 7.34 -0.36 8.44
N GLU A 534 8.66 -0.34 8.64
CA GLU A 534 9.36 0.78 9.30
C GLU A 534 9.33 2.00 8.43
N VAL A 535 9.61 1.83 7.13
CA VAL A 535 9.58 2.90 6.14
C VAL A 535 8.17 3.51 6.08
N ASN A 536 7.14 2.66 5.91
CA ASN A 536 5.73 3.08 5.86
C ASN A 536 5.34 3.92 7.09
N GLN A 537 5.70 3.44 8.29
CA GLN A 537 5.41 4.13 9.53
C GLN A 537 6.05 5.53 9.56
N ILE A 538 7.37 5.61 9.24
CA ILE A 538 8.10 6.87 9.22
C ILE A 538 7.51 7.85 8.20
N LEU A 539 7.20 7.39 6.98
CA LEU A 539 6.63 8.26 5.96
C LEU A 539 5.23 8.75 6.29
N ILE A 540 4.35 7.85 6.76
CA ILE A 540 2.97 8.25 7.04
C ILE A 540 2.89 9.25 8.18
N LYS A 541 3.70 9.06 9.22
CA LYS A 541 3.71 9.96 10.36
C LYS A 541 4.13 11.37 9.95
N TRP A 542 5.18 11.46 9.11
CA TRP A 542 5.73 12.71 8.59
C TRP A 542 4.77 13.39 7.62
N LEU A 543 4.17 12.63 6.69
CA LEU A 543 3.20 13.19 5.74
C LEU A 543 2.02 13.82 6.45
N ASP A 544 1.45 13.13 7.45
CA ASP A 544 0.29 13.62 8.20
C ASP A 544 0.56 14.89 9.00
N SER A 545 1.81 15.12 9.41
CA SER A 545 2.16 16.31 10.17
C SER A 545 2.74 17.46 9.32
N ASP A 546 3.83 17.21 8.57
CA ASP A 546 4.51 18.24 7.77
C ASP A 546 3.95 18.51 6.35
N ALA A 547 3.19 17.58 5.75
CA ALA A 547 2.67 17.80 4.40
C ALA A 547 1.13 17.67 4.25
N ARG A 548 0.37 18.30 5.16
CA ARG A 548 -1.09 18.23 5.11
C ARG A 548 -1.75 19.61 5.14
C1 XQ9 B . 25.91 11.27 -5.98
S2 XQ9 B . 25.35 10.39 -4.55
O3 XQ9 B . 26.44 10.36 -3.59
O4 XQ9 B . 24.04 10.88 -4.18
N5 XQ9 B . 25.13 8.84 -5.26
C6 XQ9 B . 23.68 8.43 -5.31
C7 XQ9 B . 23.51 7.06 -5.97
C8 XQ9 B . 24.41 6.02 -5.30
C9 XQ9 B . 25.88 6.43 -5.41
C10 XQ9 B . 26.10 7.80 -4.75
N11 XQ9 B . 24.09 4.75 -5.88
C12 XQ9 B . 24.89 3.66 -6.00
O13 XQ9 B . 25.96 3.72 -6.57
N14 XQ9 B . 24.32 2.52 -5.50
C15 XQ9 B . 24.82 1.18 -5.71
C16 XQ9 B . 26.05 0.94 -4.76
C17 XQ9 B . 26.55 -0.53 -4.88
C18 XQ9 B . 26.99 -0.78 -6.36
C19 XQ9 B . 25.79 -0.56 -7.34
C20 XQ9 B . 25.26 0.89 -7.19
C21 XQ9 B . 24.62 -1.52 -6.95
C22 XQ9 B . 24.16 -1.28 -5.48
C23 XQ9 B . 25.36 -1.49 -4.52
C24 XQ9 B . 23.67 0.19 -5.35
#